data_6OOX
#
_entry.id   6OOX
#
_cell.length_a   39.614
_cell.length_b   51.248
_cell.length_c   78.797
_cell.angle_alpha   90.000
_cell.angle_beta   93.920
_cell.angle_gamma   90.000
#
_symmetry.space_group_name_H-M   'P 1 21 1'
#
loop_
_entity.id
_entity.type
_entity.pdbx_description
1 polymer 'Cytochrome P450'
2 non-polymer 'PROTOPORPHYRIN IX CONTAINING FE'
3 non-polymer '4-propan-2-ylbenzoic acid'
4 non-polymer 'CHLORIDE ION'
5 water water
#
_entity_poly.entity_id   1
_entity_poly.type   'polypeptide(L)'
_entity_poly.pdbx_seq_one_letter_code
;TIPHLAIDPFSLDFFDDPYPDQQTLRDAGPVVYLDKWNVYGVARYAEVHAVLNDPTTFCSSRGVGLSDFKKEKPWRPPSL
ILEADPPAHTRPRAVLSKVLSPATMKTIRDGFAAAADAKVDELLQRGCIDAIADLAEAYPLSVFPDAMGLKQEGREHLLP
YAGLVFNAFGPPNELRQTAIERSAPHQAYVNEQCQRPNLAPGGFGACIHAFTDTGEITPDEAPLLVRSLLSAGLDATVNG
IGAAVYCLARFPGELQRLRSDPTLARNAFEEAVRFESPVQTFFRTTTREVELGGAVIGEGEKVLMFLGSANRDPRRWSDP
DLYDITRKTSGHVGFGSGVHMCVGQLVARLEGEVMLSALARKVAAIDIDGPVKRRFNNTLRGLESLPVKLTPA
;
_entity_poly.pdbx_strand_id   A
#
loop_
_chem_comp.id
_chem_comp.type
_chem_comp.name
_chem_comp.formula
4IA non-polymer '4-propan-2-ylbenzoic acid' 'C10 H12 O2'
CL non-polymer 'CHLORIDE ION' 'Cl -1'
HEM non-polymer 'PROTOPORPHYRIN IX CONTAINING FE' 'C34 H32 Fe N4 O4'
#
# COMPACT_ATOMS: atom_id res chain seq x y z
N THR A 1 1.83 31.77 -11.15
CA THR A 1 1.28 30.94 -12.23
C THR A 1 0.72 29.64 -11.66
N ILE A 2 1.33 29.18 -10.57
CA ILE A 2 0.91 27.98 -9.87
C ILE A 2 -0.08 28.39 -8.78
N PRO A 3 -1.28 27.82 -8.73
CA PRO A 3 -2.21 28.20 -7.66
C PRO A 3 -1.74 27.67 -6.30
N HIS A 4 -1.95 28.50 -5.28
CA HIS A 4 -1.63 28.15 -3.90
C HIS A 4 -2.90 27.75 -3.15
N LEU A 5 -2.86 26.60 -2.49
CA LEU A 5 -3.99 26.09 -1.75
C LEU A 5 -3.60 25.78 -0.30
N ALA A 6 -4.57 25.98 0.59
CA ALA A 6 -4.41 25.80 2.03
C ALA A 6 -4.89 24.43 2.49
N ILE A 7 -5.32 23.58 1.56
CA ILE A 7 -5.77 22.24 1.91
C ILE A 7 -4.63 21.48 2.58
N ASP A 8 -4.93 20.87 3.73
CA ASP A 8 -3.97 20.02 4.43
C ASP A 8 -4.30 18.56 4.14
N PRO A 9 -3.56 17.88 3.28
CA PRO A 9 -3.90 16.49 2.95
C PRO A 9 -3.51 15.50 4.04
N PHE A 10 -2.96 15.97 5.16
CA PHE A 10 -2.60 15.12 6.28
C PHE A 10 -3.40 15.47 7.53
N SER A 11 -4.53 16.15 7.36
CA SER A 11 -5.43 16.48 8.45
C SER A 11 -6.53 15.43 8.60
N LEU A 12 -7.09 15.34 9.81
CA LEU A 12 -8.13 14.35 10.07
C LEU A 12 -9.37 14.62 9.24
N ASP A 13 -9.69 15.89 8.98
N ASP A 13 -9.69 15.90 8.99
CA ASP A 13 -10.85 16.20 8.14
CA ASP A 13 -10.83 16.23 8.15
C ASP A 13 -10.64 15.72 6.72
C ASP A 13 -10.63 15.71 6.73
N PHE A 14 -9.40 15.84 6.21
CA PHE A 14 -9.09 15.31 4.89
C PHE A 14 -9.24 13.79 4.87
N PHE A 15 -8.66 13.11 5.88
CA PHE A 15 -8.75 11.66 5.92
C PHE A 15 -10.20 11.21 5.99
N ASP A 16 -11.03 11.95 6.73
CA ASP A 16 -12.43 11.55 6.89
C ASP A 16 -13.15 11.54 5.55
N ASP A 17 -12.84 12.50 4.68
CA ASP A 17 -13.47 12.56 3.37
C ASP A 17 -12.60 13.33 2.39
N PRO A 18 -11.68 12.66 1.68
CA PRO A 18 -10.70 13.37 0.86
C PRO A 18 -11.19 13.73 -0.54
N TYR A 19 -12.32 13.17 -0.97
CA TYR A 19 -12.67 13.22 -2.39
C TYR A 19 -13.03 14.64 -2.83
N PRO A 20 -13.82 15.41 -2.07
CA PRO A 20 -14.06 16.80 -2.50
C PRO A 20 -12.77 17.58 -2.60
N ASP A 21 -11.93 17.50 -1.58
CA ASP A 21 -10.65 18.21 -1.61
C ASP A 21 -9.77 17.70 -2.74
N GLN A 22 -9.83 16.40 -3.04
CA GLN A 22 -9.07 15.88 -4.17
C GLN A 22 -9.57 16.46 -5.48
N GLN A 23 -10.88 16.63 -5.65
CA GLN A 23 -11.36 17.30 -6.86
C GLN A 23 -10.87 18.73 -6.92
N THR A 24 -10.90 19.43 -5.79
CA THR A 24 -10.41 20.81 -5.77
C THR A 24 -8.95 20.85 -6.22
N LEU A 25 -8.15 19.89 -5.75
CA LEU A 25 -6.74 19.82 -6.11
C LEU A 25 -6.57 19.54 -7.60
N ARG A 26 -7.38 18.61 -8.16
CA ARG A 26 -7.26 18.32 -9.58
C ARG A 26 -7.68 19.51 -10.43
N ASP A 27 -8.76 20.19 -10.03
CA ASP A 27 -9.39 21.21 -10.85
C ASP A 27 -8.71 22.57 -10.70
N ALA A 28 -7.82 22.72 -9.72
CA ALA A 28 -7.09 23.97 -9.58
C ALA A 28 -6.03 24.13 -10.65
N GLY A 29 -5.49 23.01 -11.14
CA GLY A 29 -4.49 23.03 -12.19
C GLY A 29 -3.66 21.76 -12.16
N PRO A 30 -2.80 21.58 -13.17
CA PRO A 30 -1.97 20.36 -13.19
C PRO A 30 -0.93 20.33 -12.09
N VAL A 31 -0.51 21.48 -11.58
CA VAL A 31 0.45 21.57 -10.48
C VAL A 31 -0.05 22.62 -9.51
N VAL A 32 -0.12 22.28 -8.23
CA VAL A 32 -0.49 23.23 -7.20
C VAL A 32 0.66 23.37 -6.20
N TYR A 33 0.58 24.41 -5.39
CA TYR A 33 1.51 24.61 -4.28
C TYR A 33 0.67 24.55 -3.00
N LEU A 34 1.08 23.69 -2.07
CA LEU A 34 0.37 23.50 -0.81
C LEU A 34 1.04 24.34 0.29
N ASP A 35 0.45 25.50 0.57
CA ASP A 35 1.07 26.45 1.50
C ASP A 35 1.24 25.85 2.89
N LYS A 36 0.40 24.89 3.27
CA LYS A 36 0.45 24.32 4.61
C LYS A 36 1.81 23.68 4.88
N TRP A 37 2.40 23.05 3.86
CA TRP A 37 3.61 22.26 4.05
C TRP A 37 4.74 22.69 3.12
N ASN A 38 4.54 23.72 2.30
CA ASN A 38 5.54 24.18 1.34
C ASN A 38 6.05 23.04 0.46
N VAL A 39 5.10 22.35 -0.20
CA VAL A 39 5.43 21.36 -1.20
C VAL A 39 4.54 21.59 -2.43
N TYR A 40 5.02 21.11 -3.57
CA TYR A 40 4.17 21.07 -4.75
C TYR A 40 3.26 19.85 -4.69
N GLY A 41 2.12 19.94 -5.34
CA GLY A 41 1.19 18.82 -5.40
C GLY A 41 0.72 18.54 -6.81
N VAL A 42 0.57 17.25 -7.12
CA VAL A 42 -0.04 16.80 -8.38
C VAL A 42 -1.11 15.75 -8.08
N ALA A 43 -2.33 16.00 -8.56
CA ALA A 43 -3.49 15.17 -8.25
C ALA A 43 -4.19 14.59 -9.48
N ARG A 44 -3.85 15.04 -10.69
CA ARG A 44 -4.41 14.46 -11.89
C ARG A 44 -3.62 13.22 -12.32
N TYR A 45 -4.32 12.32 -13.01
CA TYR A 45 -3.68 11.09 -13.47
C TYR A 45 -2.46 11.40 -14.33
N ALA A 46 -2.61 12.33 -15.28
CA ALA A 46 -1.53 12.55 -16.24
C ALA A 46 -0.24 12.97 -15.55
N GLU A 47 -0.32 13.91 -14.61
CA GLU A 47 0.88 14.40 -13.93
C GLU A 47 1.42 13.38 -12.92
N VAL A 48 0.54 12.72 -12.17
CA VAL A 48 1.02 11.67 -11.28
C VAL A 48 1.78 10.61 -12.07
N HIS A 49 1.22 10.17 -13.19
CA HIS A 49 1.86 9.14 -14.00
C HIS A 49 3.18 9.65 -14.57
N ALA A 50 3.21 10.92 -15.00
CA ALA A 50 4.46 11.46 -15.55
C ALA A 50 5.54 11.54 -14.47
N VAL A 51 5.16 11.99 -13.28
CA VAL A 51 6.13 12.12 -12.18
C VAL A 51 6.68 10.76 -11.80
N LEU A 52 5.78 9.79 -11.61
CA LEU A 52 6.21 8.44 -11.25
C LEU A 52 7.19 7.88 -12.27
N ASN A 53 7.04 8.25 -13.54
CA ASN A 53 7.81 7.62 -14.61
C ASN A 53 9.03 8.44 -14.98
N ASP A 54 9.40 9.44 -14.19
CA ASP A 54 10.67 10.14 -14.32
C ASP A 54 11.34 10.13 -12.95
N PRO A 55 11.93 8.99 -12.55
CA PRO A 55 12.52 8.91 -11.21
C PRO A 55 13.84 9.65 -11.07
N THR A 56 14.51 9.97 -12.17
CA THR A 56 15.74 10.75 -12.10
C THR A 56 15.45 12.18 -11.68
N THR A 57 14.41 12.78 -12.26
CA THR A 57 14.10 14.17 -11.99
C THR A 57 13.33 14.27 -10.69
N PHE A 58 12.44 13.31 -10.43
CA PHE A 58 11.59 13.32 -9.25
C PHE A 58 12.07 12.10 -8.48
N CYS A 59 13.11 12.31 -7.68
CA CYS A 59 13.86 11.17 -7.15
C CYS A 59 13.25 10.67 -5.85
N SER A 60 13.64 9.45 -5.49
CA SER A 60 13.23 8.81 -4.26
C SER A 60 14.34 8.76 -3.21
N SER A 61 15.60 8.99 -3.61
CA SER A 61 16.72 8.82 -2.69
C SER A 61 16.79 9.91 -1.63
N ARG A 62 16.01 10.97 -1.76
CA ARG A 62 15.93 12.02 -0.76
C ARG A 62 14.66 11.86 0.08
N GLY A 63 14.05 10.69 0.02
CA GLY A 63 12.91 10.29 0.81
C GLY A 63 11.62 10.39 0.01
N VAL A 64 10.67 9.50 0.32
CA VAL A 64 9.36 9.57 -0.29
C VAL A 64 8.32 10.07 0.71
N GLY A 65 8.77 10.53 1.87
CA GLY A 65 7.96 11.30 2.78
C GLY A 65 8.26 12.77 2.64
N LEU A 66 7.67 13.56 3.53
CA LEU A 66 7.85 15.00 3.43
C LEU A 66 9.31 15.36 3.68
N SER A 67 9.95 14.69 4.62
CA SER A 67 11.32 15.00 5.00
C SER A 67 12.28 14.79 3.83
N ASP A 68 13.23 15.71 3.68
CA ASP A 68 14.23 15.67 2.63
C ASP A 68 15.51 15.15 3.30
N PHE A 69 15.92 13.93 2.94
CA PHE A 69 17.06 13.33 3.61
C PHE A 69 18.35 14.13 3.44
N LYS A 70 18.43 15.00 2.44
CA LYS A 70 19.61 15.85 2.34
C LYS A 70 19.56 17.01 3.34
N LYS A 71 18.42 17.24 4.00
CA LYS A 71 18.26 18.29 4.98
CA LYS A 71 18.26 18.30 4.98
C LYS A 71 18.05 17.79 6.39
N GLU A 72 17.40 16.64 6.56
CA GLU A 72 17.10 16.07 7.86
C GLU A 72 17.61 14.63 7.95
N LYS A 73 17.76 14.17 9.19
CA LYS A 73 18.19 12.82 9.46
C LYS A 73 17.04 11.86 9.24
N PRO A 74 17.21 10.79 8.45
CA PRO A 74 16.13 9.81 8.34
C PRO A 74 15.85 9.17 9.70
N TRP A 75 14.57 8.93 10.00
CA TRP A 75 14.20 8.36 11.28
C TRP A 75 14.73 6.93 11.43
N ARG A 76 14.97 6.25 10.32
CA ARG A 76 15.61 4.94 10.26
C ARG A 76 16.51 4.95 9.05
N PRO A 77 17.49 4.05 8.98
CA PRO A 77 18.32 3.97 7.79
C PRO A 77 17.45 3.90 6.54
N PRO A 78 17.80 4.63 5.48
CA PRO A 78 16.94 4.64 4.30
C PRO A 78 16.74 3.24 3.72
N SER A 79 15.53 3.01 3.22
CA SER A 79 15.25 1.77 2.51
C SER A 79 16.16 1.69 1.29
N LEU A 80 16.73 0.50 1.06
CA LEU A 80 17.63 0.35 -0.07
C LEU A 80 16.91 0.21 -1.40
N ILE A 81 15.57 0.08 -1.40
CA ILE A 81 14.81 0.00 -2.64
C ILE A 81 13.82 1.16 -2.75
N LEU A 82 12.99 1.38 -1.71
CA LEU A 82 11.99 2.44 -1.79
C LEU A 82 12.63 3.81 -1.86
N GLU A 83 13.74 3.99 -1.16
CA GLU A 83 14.35 5.29 -0.94
C GLU A 83 15.73 5.31 -1.61
N ALA A 84 15.81 4.63 -2.74
CA ALA A 84 17.00 4.61 -3.58
C ALA A 84 16.62 4.92 -5.01
N ASP A 85 17.55 5.51 -5.73
CA ASP A 85 17.39 5.78 -7.15
C ASP A 85 18.25 4.82 -7.96
N PRO A 86 17.95 4.64 -9.24
CA PRO A 86 18.87 3.91 -10.10
C PRO A 86 20.20 4.65 -10.19
N PRO A 87 21.32 3.92 -10.30
CA PRO A 87 21.48 2.45 -10.43
C PRO A 87 21.50 1.69 -9.12
N ALA A 88 21.66 2.39 -7.99
CA ALA A 88 21.72 1.70 -6.70
C ALA A 88 20.45 0.89 -6.44
N HIS A 89 19.31 1.38 -6.94
CA HIS A 89 18.02 0.72 -6.76
C HIS A 89 17.95 -0.62 -7.49
N THR A 90 18.65 -0.73 -8.61
CA THR A 90 18.38 -1.76 -9.61
C THR A 90 18.61 -3.18 -9.12
N ARG A 91 19.73 -3.44 -8.42
CA ARG A 91 20.01 -4.81 -7.98
C ARG A 91 19.11 -5.24 -6.83
N PRO A 92 18.89 -4.43 -5.79
CA PRO A 92 17.92 -4.82 -4.77
C PRO A 92 16.55 -5.06 -5.35
N ARG A 93 16.15 -4.23 -6.32
CA ARG A 93 14.88 -4.44 -7.00
C ARG A 93 14.85 -5.81 -7.67
N ALA A 94 15.95 -6.19 -8.33
CA ALA A 94 16.00 -7.48 -9.00
C ALA A 94 15.87 -8.62 -7.99
N VAL A 95 16.55 -8.50 -6.85
CA VAL A 95 16.44 -9.51 -5.81
C VAL A 95 15.00 -9.64 -5.32
N LEU A 96 14.37 -8.53 -4.96
CA LEU A 96 13.00 -8.62 -4.46
C LEU A 96 12.04 -9.11 -5.54
N SER A 97 12.28 -8.75 -6.79
N SER A 97 12.28 -8.74 -6.79
CA SER A 97 11.44 -9.25 -7.89
CA SER A 97 11.44 -9.24 -7.88
C SER A 97 11.61 -10.75 -8.06
C SER A 97 11.61 -10.75 -8.05
N LYS A 98 12.79 -11.28 -7.72
CA LYS A 98 13.03 -12.71 -7.85
C LYS A 98 12.52 -13.48 -6.64
N VAL A 99 12.58 -12.86 -5.46
CA VAL A 99 12.05 -13.49 -4.24
C VAL A 99 10.53 -13.60 -4.33
N LEU A 100 9.88 -12.54 -4.80
CA LEU A 100 8.42 -12.47 -4.87
C LEU A 100 7.97 -12.66 -6.31
N SER A 101 8.56 -13.64 -6.99
CA SER A 101 8.33 -13.89 -8.39
C SER A 101 7.16 -14.83 -8.59
N PRO A 102 6.72 -14.99 -9.83
CA PRO A 102 5.77 -16.06 -10.18
C PRO A 102 6.02 -17.43 -9.57
N ALA A 103 7.25 -17.93 -9.61
CA ALA A 103 7.51 -19.27 -9.08
C ALA A 103 7.24 -19.34 -7.59
N THR A 104 7.61 -18.32 -6.84
CA THR A 104 7.33 -18.32 -5.41
C THR A 104 5.83 -18.27 -5.19
N MET A 105 5.11 -17.52 -6.04
CA MET A 105 3.66 -17.50 -5.96
C MET A 105 3.10 -18.91 -6.12
N LYS A 106 3.60 -19.67 -7.09
CA LYS A 106 3.11 -21.04 -7.27
C LYS A 106 3.41 -21.86 -6.03
N THR A 107 4.54 -21.59 -5.36
CA THR A 107 4.85 -22.39 -4.18
C THR A 107 3.97 -22.03 -2.97
N ILE A 108 3.42 -20.81 -2.87
CA ILE A 108 2.64 -20.39 -1.70
C ILE A 108 1.13 -20.35 -1.95
N ARG A 109 0.69 -20.41 -3.21
CA ARG A 109 -0.73 -20.21 -3.54
C ARG A 109 -1.63 -21.17 -2.77
N ASP A 110 -1.29 -22.46 -2.72
CA ASP A 110 -2.21 -23.42 -2.12
C ASP A 110 -2.43 -23.12 -0.65
N GLY A 111 -1.37 -22.72 0.07
CA GLY A 111 -1.52 -22.38 1.47
C GLY A 111 -2.32 -21.11 1.65
N PHE A 112 -2.09 -20.13 0.77
CA PHE A 112 -2.82 -18.87 0.87
C PHE A 112 -4.30 -19.08 0.57
N ALA A 113 -4.61 -19.87 -0.46
CA ALA A 113 -5.99 -20.15 -0.82
C ALA A 113 -6.69 -20.96 0.27
N ALA A 114 -6.03 -22.01 0.77
CA ALA A 114 -6.62 -22.79 1.85
C ALA A 114 -6.90 -21.91 3.05
N ALA A 115 -5.98 -21.00 3.37
CA ALA A 115 -6.17 -20.13 4.52
C ALA A 115 -7.32 -19.16 4.29
N ALA A 116 -7.50 -18.69 3.06
CA ALA A 116 -8.60 -17.77 2.76
C ALA A 116 -9.94 -18.49 2.83
N ASP A 117 -10.01 -19.68 2.23
CA ASP A 117 -11.23 -20.49 2.29
C ASP A 117 -11.57 -20.79 3.73
N ALA A 118 -10.57 -21.19 4.51
CA ALA A 118 -10.78 -21.51 5.91
C ALA A 118 -11.25 -20.30 6.69
N LYS A 119 -10.65 -19.14 6.44
CA LYS A 119 -11.10 -17.93 7.11
C LYS A 119 -12.55 -17.64 6.80
N VAL A 120 -12.92 -17.66 5.52
CA VAL A 120 -14.32 -17.37 5.18
C VAL A 120 -15.26 -18.37 5.83
N ASP A 121 -14.91 -19.65 5.82
CA ASP A 121 -15.76 -20.63 6.48
C ASP A 121 -15.92 -20.32 7.97
N GLU A 122 -14.81 -19.96 8.64
CA GLU A 122 -14.87 -19.60 10.05
C GLU A 122 -15.75 -18.38 10.26
N LEU A 123 -15.58 -17.36 9.41
CA LEU A 123 -16.33 -16.12 9.60
C LEU A 123 -17.80 -16.37 9.34
N LEU A 124 -18.12 -17.23 8.37
CA LEU A 124 -19.50 -17.57 8.12
C LEU A 124 -20.05 -18.31 9.32
N GLN A 125 -19.15 -18.98 10.05
CA GLN A 125 -19.54 -19.61 11.30
C GLN A 125 -19.82 -18.55 12.33
N ARG A 126 -19.15 -17.40 12.22
CA ARG A 126 -19.36 -16.29 13.15
C ARG A 126 -20.59 -15.45 12.76
N GLY A 127 -20.86 -15.32 11.47
CA GLY A 127 -22.02 -14.62 10.95
C GLY A 127 -21.85 -13.11 11.03
N CYS A 128 -21.74 -12.62 12.26
CA CYS A 128 -21.50 -11.21 12.54
C CYS A 128 -20.04 -11.02 12.91
N ILE A 129 -19.32 -10.23 12.12
CA ILE A 129 -17.89 -10.10 12.31
C ILE A 129 -17.48 -8.65 12.12
N ASP A 130 -16.22 -8.38 12.44
CA ASP A 130 -15.57 -7.14 12.11
C ASP A 130 -14.68 -7.45 10.92
N ALA A 131 -15.03 -6.92 9.75
CA ALA A 131 -14.32 -7.26 8.53
C ALA A 131 -12.88 -6.78 8.55
N ILE A 132 -12.51 -5.93 9.50
CA ILE A 132 -11.12 -5.51 9.66
C ILE A 132 -10.38 -6.51 10.54
N ALA A 133 -10.66 -6.50 11.83
CA ALA A 133 -9.96 -7.39 12.77
C ALA A 133 -10.07 -8.85 12.35
N ASP A 134 -11.27 -9.29 11.97
CA ASP A 134 -11.55 -10.70 11.78
C ASP A 134 -11.26 -11.21 10.38
N LEU A 135 -10.92 -10.32 9.45
CA LEU A 135 -10.78 -10.74 8.06
C LEU A 135 -9.60 -10.02 7.40
N ALA A 136 -9.70 -8.69 7.26
CA ALA A 136 -8.67 -7.95 6.56
C ALA A 136 -7.32 -8.07 7.28
N GLU A 137 -7.34 -8.04 8.61
CA GLU A 137 -6.13 -8.29 9.40
C GLU A 137 -5.83 -9.77 9.58
N ALA A 138 -6.83 -10.55 10.00
CA ALA A 138 -6.56 -11.93 10.39
C ALA A 138 -5.99 -12.76 9.25
N TYR A 139 -6.50 -12.62 8.03
CA TYR A 139 -6.00 -13.46 6.96
C TYR A 139 -4.55 -13.14 6.61
N PRO A 140 -4.17 -11.88 6.35
CA PRO A 140 -2.76 -11.63 6.03
C PRO A 140 -1.84 -11.95 7.19
N LEU A 141 -2.31 -11.77 8.43
CA LEU A 141 -1.50 -12.15 9.57
C LEU A 141 -1.31 -13.67 9.62
N SER A 142 -2.31 -14.42 9.14
CA SER A 142 -2.26 -15.87 9.12
C SER A 142 -1.44 -16.48 7.99
N VAL A 143 -1.11 -15.73 6.93
CA VAL A 143 -0.34 -16.30 5.82
C VAL A 143 0.97 -15.57 5.56
N PHE A 144 1.02 -14.25 5.72
CA PHE A 144 2.20 -13.52 5.29
C PHE A 144 3.39 -13.71 6.23
N PRO A 145 3.21 -13.68 7.54
CA PRO A 145 4.37 -13.95 8.41
C PRO A 145 4.98 -15.32 8.16
N ASP A 146 4.15 -16.34 7.92
CA ASP A 146 4.69 -17.66 7.57
C ASP A 146 5.45 -17.60 6.25
N ALA A 147 4.89 -16.91 5.26
CA ALA A 147 5.56 -16.83 3.97
C ALA A 147 6.89 -16.08 4.11
N MET A 148 7.00 -15.18 5.08
CA MET A 148 8.27 -14.54 5.38
CA MET A 148 8.27 -14.54 5.38
C MET A 148 9.19 -15.42 6.22
N GLY A 149 8.67 -16.46 6.84
CA GLY A 149 9.49 -17.32 7.65
C GLY A 149 9.83 -16.73 8.99
N LEU A 150 8.96 -15.87 9.51
CA LEU A 150 9.12 -15.32 10.84
C LEU A 150 8.75 -16.37 11.88
N LYS A 151 9.44 -16.32 13.02
CA LYS A 151 9.02 -17.11 14.16
C LYS A 151 7.63 -16.67 14.62
N GLN A 152 7.01 -17.49 15.47
CA GLN A 152 5.69 -17.12 15.97
C GLN A 152 5.78 -15.97 16.95
N GLU A 153 6.81 -15.95 17.79
CA GLU A 153 6.86 -14.94 18.84
C GLU A 153 7.19 -13.59 18.21
N GLY A 154 6.44 -12.57 18.60
CA GLY A 154 6.73 -11.21 18.18
C GLY A 154 6.02 -10.73 16.93
N ARG A 155 5.18 -11.57 16.30
CA ARG A 155 4.59 -11.13 15.04
C ARG A 155 3.64 -9.97 15.26
N GLU A 156 3.24 -9.76 16.52
CA GLU A 156 2.42 -8.64 16.94
C GLU A 156 3.10 -7.29 16.71
N HIS A 157 4.41 -7.27 16.45
CA HIS A 157 5.11 -6.03 16.16
C HIS A 157 4.93 -5.60 14.71
N LEU A 158 4.44 -6.49 13.86
CA LEU A 158 4.47 -6.20 12.42
C LEU A 158 3.48 -5.09 12.05
N LEU A 159 2.24 -5.18 12.50
CA LEU A 159 1.29 -4.14 12.13
C LEU A 159 1.58 -2.81 12.80
N PRO A 160 1.95 -2.78 14.09
CA PRO A 160 2.35 -1.49 14.68
C PRO A 160 3.54 -0.85 13.99
N TYR A 161 4.54 -1.66 13.66
CA TYR A 161 5.71 -1.13 12.96
C TYR A 161 5.32 -0.56 11.60
N ALA A 162 4.46 -1.27 10.89
CA ALA A 162 4.05 -0.79 9.59
C ALA A 162 3.32 0.54 9.73
N GLY A 163 2.42 0.65 10.71
CA GLY A 163 1.72 1.90 10.86
C GLY A 163 2.70 3.03 11.07
N LEU A 164 3.72 2.78 11.89
CA LEU A 164 4.74 3.79 12.14
C LEU A 164 5.41 4.17 10.84
N VAL A 165 5.87 3.18 10.09
CA VAL A 165 6.55 3.47 8.83
C VAL A 165 5.68 4.39 7.97
N PHE A 166 4.41 4.05 7.82
CA PHE A 166 3.57 4.86 6.94
C PHE A 166 3.24 6.21 7.55
N ASN A 167 3.10 6.27 8.87
CA ASN A 167 2.95 7.58 9.51
C ASN A 167 4.19 8.40 9.31
N ALA A 168 5.36 7.76 9.28
CA ALA A 168 6.59 8.52 9.20
C ALA A 168 6.77 9.15 7.83
N PHE A 169 6.01 8.71 6.81
CA PHE A 169 6.08 9.41 5.53
C PHE A 169 5.40 10.78 5.57
N GLY A 170 4.56 11.03 6.57
CA GLY A 170 3.82 12.26 6.65
C GLY A 170 4.65 13.41 7.18
N PRO A 171 3.99 14.56 7.32
CA PRO A 171 4.64 15.72 7.92
C PRO A 171 4.77 15.55 9.42
N PRO A 172 5.53 16.41 10.09
CA PRO A 172 5.68 16.27 11.54
C PRO A 172 4.43 16.75 12.28
N ASN A 173 3.32 16.08 12.00
CA ASN A 173 2.05 16.29 12.67
C ASN A 173 1.95 15.29 13.82
N GLU A 174 0.79 15.24 14.47
CA GLU A 174 0.66 14.37 15.63
C GLU A 174 0.81 12.90 15.25
N LEU A 175 0.27 12.49 14.12
CA LEU A 175 0.40 11.11 13.70
C LEU A 175 1.87 10.69 13.56
N ARG A 176 2.68 11.52 12.88
CA ARG A 176 4.09 11.17 12.67
C ARG A 176 4.90 11.23 13.94
N GLN A 177 4.77 12.33 14.69
CA GLN A 177 5.67 12.53 15.81
C GLN A 177 5.29 11.55 16.89
N THR A 178 4.00 11.24 16.94
CA THR A 178 3.50 10.20 17.82
C THR A 178 4.09 8.84 17.49
N ALA A 179 4.10 8.49 16.21
CA ALA A 179 4.67 7.20 15.87
C ALA A 179 6.17 7.11 16.18
N ILE A 180 6.93 8.14 15.77
CA ILE A 180 8.39 8.10 15.91
C ILE A 180 8.92 8.24 17.34
N GLU A 181 8.35 9.12 18.17
CA GLU A 181 9.03 9.32 19.45
C GLU A 181 8.99 8.15 20.43
N ARG A 182 7.98 7.29 20.36
CA ARG A 182 7.82 6.12 21.20
C ARG A 182 8.15 4.77 20.54
N SER A 183 8.69 4.77 19.32
CA SER A 183 8.76 3.66 18.37
C SER A 183 9.74 2.53 18.72
N ALA A 184 10.70 2.76 19.60
CA ALA A 184 11.88 1.92 19.70
C ALA A 184 11.64 0.43 19.84
N PRO A 185 10.68 -0.08 20.64
CA PRO A 185 10.58 -1.55 20.73
C PRO A 185 10.25 -2.19 19.39
N HIS A 186 9.46 -1.55 18.54
CA HIS A 186 9.14 -2.20 17.28
C HIS A 186 10.38 -2.24 16.40
N GLN A 187 11.14 -1.16 16.38
CA GLN A 187 12.37 -1.18 15.62
C GLN A 187 13.26 -2.32 16.11
N ALA A 188 13.37 -2.48 17.42
CA ALA A 188 14.24 -3.53 17.95
C ALA A 188 13.80 -4.89 17.43
N TYR A 189 12.50 -5.16 17.46
CA TYR A 189 12.01 -6.43 16.95
C TYR A 189 12.34 -6.60 15.47
N VAL A 190 11.99 -5.61 14.65
CA VAL A 190 12.14 -5.79 13.21
C VAL A 190 13.59 -6.02 12.85
N ASN A 191 14.48 -5.20 13.38
CA ASN A 191 15.87 -5.35 13.02
C ASN A 191 16.36 -6.74 13.42
N GLU A 192 15.95 -7.21 14.60
CA GLU A 192 16.39 -8.54 15.02
C GLU A 192 15.86 -9.60 14.06
N GLN A 193 14.61 -9.46 13.60
CA GLN A 193 14.06 -10.51 12.75
C GLN A 193 14.68 -10.47 11.36
N CYS A 194 15.37 -9.39 10.99
CA CYS A 194 15.97 -9.29 9.67
C CYS A 194 17.24 -10.12 9.53
N GLN A 195 17.81 -10.60 10.63
CA GLN A 195 19.04 -11.35 10.57
C GLN A 195 18.82 -12.79 10.12
N ARG A 196 19.74 -13.29 9.30
CA ARG A 196 19.59 -14.60 8.68
C ARG A 196 19.23 -15.70 9.67
N PRO A 197 19.88 -15.82 10.83
CA PRO A 197 19.56 -16.95 11.72
C PRO A 197 18.15 -16.94 12.27
N ASN A 198 17.40 -15.85 12.14
CA ASN A 198 16.07 -15.79 12.72
C ASN A 198 14.96 -15.96 11.68
N LEU A 199 15.33 -16.23 10.44
CA LEU A 199 14.38 -16.34 9.33
C LEU A 199 14.40 -17.75 8.79
N ALA A 200 13.26 -18.42 8.81
CA ALA A 200 13.28 -19.84 8.50
C ALA A 200 13.62 -20.07 7.04
N PRO A 201 14.40 -21.09 6.72
CA PRO A 201 14.70 -21.41 5.31
C PRO A 201 13.42 -21.61 4.52
N GLY A 202 13.45 -21.19 3.25
CA GLY A 202 12.32 -21.35 2.35
C GLY A 202 11.35 -20.21 2.38
N GLY A 203 11.53 -19.30 3.30
CA GLY A 203 10.67 -18.15 3.40
C GLY A 203 11.24 -16.99 2.56
N PHE A 204 10.45 -15.90 2.45
CA PHE A 204 10.91 -14.75 1.67
C PHE A 204 12.21 -14.18 2.25
N GLY A 205 12.30 -14.07 3.58
CA GLY A 205 13.48 -13.50 4.21
C GLY A 205 14.72 -14.32 3.92
N ALA A 206 14.62 -15.63 4.12
CA ALA A 206 15.77 -16.50 3.90
C ALA A 206 16.16 -16.54 2.43
N CYS A 207 15.20 -16.33 1.53
N CYS A 207 15.21 -16.33 1.53
CA CYS A 207 15.53 -16.22 0.11
CA CYS A 207 15.57 -16.23 0.12
C CYS A 207 16.31 -14.94 -0.16
C CYS A 207 16.30 -14.93 -0.18
N ILE A 208 15.90 -13.84 0.48
CA ILE A 208 16.65 -12.60 0.34
C ILE A 208 18.09 -12.83 0.79
N HIS A 209 18.27 -13.44 1.98
CA HIS A 209 19.63 -13.70 2.43
C HIS A 209 20.33 -14.65 1.48
N ALA A 210 19.57 -15.54 0.84
CA ALA A 210 20.17 -16.53 -0.05
C ALA A 210 20.67 -15.88 -1.32
N PHE A 211 20.14 -14.71 -1.65
CA PHE A 211 20.61 -14.01 -2.83
C PHE A 211 21.88 -13.23 -2.54
N THR A 212 22.40 -13.31 -1.31
CA THR A 212 23.53 -12.47 -0.96
C THR A 212 24.85 -13.04 -1.44
N ASP A 213 24.85 -14.14 -2.20
CA ASP A 213 26.08 -14.71 -2.70
C ASP A 213 26.07 -14.76 -4.22
N THR A 214 25.06 -14.16 -4.84
CA THR A 214 24.94 -14.09 -6.28
C THR A 214 25.61 -12.84 -6.87
N GLY A 215 26.01 -11.88 -6.03
CA GLY A 215 26.59 -10.64 -6.50
C GLY A 215 25.61 -9.51 -6.72
N GLU A 216 24.34 -9.70 -6.36
CA GLU A 216 23.29 -8.69 -6.53
C GLU A 216 23.18 -7.80 -5.30
N ILE A 217 23.16 -8.41 -4.11
CA ILE A 217 23.22 -7.69 -2.85
C ILE A 217 24.30 -8.33 -1.99
N THR A 218 24.77 -7.56 -1.00
CA THR A 218 25.75 -8.09 -0.05
C THR A 218 25.07 -8.51 1.23
N PRO A 219 25.77 -9.29 2.08
CA PRO A 219 25.15 -9.72 3.33
C PRO A 219 24.65 -8.57 4.19
N ASP A 220 25.36 -7.44 4.20
CA ASP A 220 24.90 -6.32 5.02
C ASP A 220 23.67 -5.65 4.45
N GLU A 221 23.33 -5.89 3.17
CA GLU A 221 22.11 -5.31 2.61
C GLU A 221 20.89 -6.18 2.82
N ALA A 222 21.05 -7.49 3.02
CA ALA A 222 19.89 -8.38 3.06
C ALA A 222 18.97 -8.03 4.21
N PRO A 223 19.46 -7.75 5.42
CA PRO A 223 18.54 -7.41 6.51
C PRO A 223 17.66 -6.24 6.19
N LEU A 224 18.21 -5.21 5.51
CA LEU A 224 17.42 -4.03 5.19
C LEU A 224 16.34 -4.34 4.17
N LEU A 225 16.58 -5.28 3.26
CA LEU A 225 15.54 -5.69 2.31
C LEU A 225 14.47 -6.52 2.98
N VAL A 226 14.87 -7.36 3.94
CA VAL A 226 13.87 -8.05 4.75
C VAL A 226 13.05 -7.02 5.47
N ARG A 227 13.70 -5.97 5.97
CA ARG A 227 12.99 -4.90 6.65
C ARG A 227 11.99 -4.25 5.71
N SER A 228 12.34 -4.13 4.43
CA SER A 228 11.39 -3.59 3.46
C SER A 228 10.14 -4.45 3.37
N LEU A 229 10.33 -5.78 3.35
CA LEU A 229 9.17 -6.66 3.26
C LEU A 229 8.36 -6.63 4.56
N LEU A 230 9.03 -6.44 5.70
CA LEU A 230 8.33 -6.37 6.97
C LEU A 230 7.64 -5.02 7.17
N SER A 231 8.04 -4.00 6.41
CA SER A 231 7.41 -2.69 6.45
C SER A 231 6.18 -2.64 5.54
N ALA A 232 6.35 -3.11 4.30
CA ALA A 232 5.38 -2.91 3.23
C ALA A 232 4.44 -4.08 3.02
N GLY A 233 4.76 -5.28 3.50
CA GLY A 233 4.10 -6.47 3.01
C GLY A 233 2.83 -6.86 3.71
N LEU A 234 2.49 -6.21 4.83
CA LEU A 234 1.34 -6.59 5.63
C LEU A 234 0.25 -5.52 5.63
N ASP A 235 0.57 -4.29 6.02
CA ASP A 235 -0.47 -3.28 6.27
C ASP A 235 -1.15 -2.85 4.97
N ALA A 236 -0.41 -2.72 3.88
CA ALA A 236 -1.02 -2.34 2.60
C ALA A 236 -2.09 -3.34 2.19
N THR A 237 -1.78 -4.64 2.26
CA THR A 237 -2.79 -5.65 1.94
C THR A 237 -3.94 -5.65 2.94
N VAL A 238 -3.68 -5.34 4.20
CA VAL A 238 -4.78 -5.27 5.17
C VAL A 238 -5.79 -4.21 4.75
N ASN A 239 -5.32 -3.03 4.38
CA ASN A 239 -6.25 -1.98 3.97
C ASN A 239 -6.82 -2.22 2.58
N GLY A 240 -6.10 -2.95 1.72
CA GLY A 240 -6.66 -3.32 0.43
C GLY A 240 -7.80 -4.32 0.55
N ILE A 241 -7.61 -5.38 1.34
CA ILE A 241 -8.67 -6.35 1.55
C ILE A 241 -9.85 -5.72 2.26
N GLY A 242 -9.57 -4.90 3.28
CA GLY A 242 -10.65 -4.17 3.93
C GLY A 242 -11.41 -3.31 2.93
N ALA A 243 -10.67 -2.66 2.02
CA ALA A 243 -11.28 -1.86 0.96
C ALA A 243 -12.21 -2.70 0.10
N ALA A 244 -11.73 -3.87 -0.35
CA ALA A 244 -12.54 -4.74 -1.19
C ALA A 244 -13.82 -5.19 -0.49
N VAL A 245 -13.72 -5.57 0.79
CA VAL A 245 -14.93 -5.96 1.51
C VAL A 245 -15.87 -4.77 1.62
N TYR A 246 -15.32 -3.59 1.90
CA TYR A 246 -16.17 -2.40 2.04
C TYR A 246 -16.88 -2.09 0.72
N CYS A 247 -16.16 -2.25 -0.40
CA CYS A 247 -16.74 -2.00 -1.70
C CYS A 247 -17.87 -2.99 -1.99
N LEU A 248 -17.65 -4.27 -1.67
CA LEU A 248 -18.66 -5.27 -1.98
C LEU A 248 -19.87 -5.07 -1.09
N ALA A 249 -19.65 -4.58 0.14
CA ALA A 249 -20.77 -4.28 1.03
C ALA A 249 -21.56 -3.09 0.51
N ARG A 250 -20.87 -2.06 -0.01
CA ARG A 250 -21.53 -0.86 -0.48
C ARG A 250 -22.12 -1.01 -1.88
N PHE A 251 -21.66 -1.99 -2.66
CA PHE A 251 -22.11 -2.19 -4.03
C PHE A 251 -22.61 -3.63 -4.15
N PRO A 252 -23.80 -3.93 -3.59
CA PRO A 252 -24.26 -5.32 -3.56
C PRO A 252 -24.44 -5.93 -4.94
N GLY A 253 -24.73 -5.12 -5.94
CA GLY A 253 -24.84 -5.64 -7.30
C GLY A 253 -23.53 -6.25 -7.77
N GLU A 254 -22.42 -5.64 -7.35
CA GLU A 254 -21.11 -6.16 -7.73
C GLU A 254 -20.77 -7.43 -6.97
N LEU A 255 -21.19 -7.53 -5.71
CA LEU A 255 -21.07 -8.81 -5.02
C LEU A 255 -21.84 -9.90 -5.73
N GLN A 256 -23.05 -9.60 -6.22
CA GLN A 256 -23.82 -10.62 -6.92
C GLN A 256 -23.13 -11.02 -8.23
N ARG A 257 -22.53 -10.05 -8.93
CA ARG A 257 -21.79 -10.41 -10.13
C ARG A 257 -20.57 -11.26 -9.79
N LEU A 258 -19.89 -10.94 -8.69
CA LEU A 258 -18.70 -11.69 -8.31
C LEU A 258 -19.05 -13.11 -7.90
N ARG A 259 -20.16 -13.29 -7.18
CA ARG A 259 -20.60 -14.63 -6.84
C ARG A 259 -20.91 -15.43 -8.09
N SER A 260 -21.55 -14.80 -9.09
N SER A 260 -21.50 -14.80 -9.11
CA SER A 260 -21.92 -15.53 -10.31
CA SER A 260 -21.90 -15.53 -10.31
C SER A 260 -20.69 -16.00 -11.08
C SER A 260 -20.70 -15.98 -11.12
N ASP A 261 -19.60 -15.24 -11.06
CA ASP A 261 -18.38 -15.60 -11.77
C ASP A 261 -17.18 -15.34 -10.86
N PRO A 262 -16.81 -16.31 -10.02
CA PRO A 262 -15.70 -16.09 -9.08
C PRO A 262 -14.37 -15.81 -9.76
N THR A 263 -14.24 -16.06 -11.07
CA THR A 263 -12.96 -15.78 -11.71
C THR A 263 -12.74 -14.29 -11.92
N LEU A 264 -13.73 -13.45 -11.62
CA LEU A 264 -13.54 -12.02 -11.58
C LEU A 264 -12.88 -11.56 -10.29
N ALA A 265 -12.56 -12.50 -9.39
CA ALA A 265 -12.08 -12.12 -8.07
C ALA A 265 -10.82 -11.28 -8.17
N ARG A 266 -9.89 -11.65 -9.03
CA ARG A 266 -8.64 -10.88 -9.13
C ARG A 266 -8.94 -9.47 -9.58
N ASN A 267 -9.78 -9.31 -10.60
CA ASN A 267 -10.09 -7.95 -11.03
C ASN A 267 -10.90 -7.23 -9.98
N ALA A 268 -11.71 -7.97 -9.22
CA ALA A 268 -12.51 -7.31 -8.21
C ALA A 268 -11.60 -6.73 -7.15
N PHE A 269 -10.52 -7.43 -6.84
CA PHE A 269 -9.55 -6.87 -5.90
C PHE A 269 -8.82 -5.68 -6.52
N GLU A 270 -8.39 -5.81 -7.78
CA GLU A 270 -7.67 -4.73 -8.44
C GLU A 270 -8.50 -3.45 -8.45
N GLU A 271 -9.78 -3.56 -8.76
CA GLU A 271 -10.62 -2.38 -8.82
C GLU A 271 -10.79 -1.78 -7.43
N ALA A 272 -10.78 -2.61 -6.39
CA ALA A 272 -10.78 -2.08 -5.03
C ALA A 272 -9.52 -1.27 -4.79
N VAL A 273 -8.38 -1.77 -5.27
CA VAL A 273 -7.14 -1.02 -5.12
C VAL A 273 -7.26 0.32 -5.83
N ARG A 274 -7.85 0.32 -7.02
CA ARG A 274 -8.09 1.60 -7.69
C ARG A 274 -9.05 2.46 -6.87
N PHE A 275 -10.16 1.86 -6.41
CA PHE A 275 -11.27 2.66 -5.91
C PHE A 275 -10.94 3.30 -4.56
N GLU A 276 -10.25 2.56 -3.68
CA GLU A 276 -9.88 3.10 -2.38
C GLU A 276 -8.43 3.54 -2.30
N SER A 277 -7.56 2.98 -3.14
CA SER A 277 -6.12 3.25 -3.09
C SER A 277 -5.56 3.24 -1.68
N PRO A 278 -5.37 2.05 -1.09
CA PRO A 278 -4.82 1.96 0.28
C PRO A 278 -3.63 2.88 0.54
N VAL A 279 -2.71 2.96 -0.42
CA VAL A 279 -1.61 3.92 -0.34
C VAL A 279 -2.03 5.15 -1.12
N GLN A 280 -2.32 6.22 -0.38
CA GLN A 280 -2.95 7.41 -0.93
C GLN A 280 -1.95 8.38 -1.56
N THR A 281 -0.80 8.56 -0.93
CA THR A 281 0.10 9.63 -1.31
C THR A 281 1.56 9.23 -1.13
N PHE A 282 2.40 9.77 -2.00
CA PHE A 282 3.85 9.62 -1.84
C PHE A 282 4.52 10.87 -2.35
N PHE A 283 5.74 11.12 -1.85
CA PHE A 283 6.51 12.25 -2.30
C PHE A 283 7.64 11.83 -3.22
N ARG A 284 8.08 12.78 -4.02
CA ARG A 284 9.37 12.76 -4.69
C ARG A 284 10.08 14.06 -4.35
N THR A 285 11.37 14.15 -4.68
CA THR A 285 12.12 15.38 -4.51
C THR A 285 12.74 15.68 -5.86
N THR A 286 12.60 16.92 -6.32
CA THR A 286 13.14 17.26 -7.61
C THR A 286 14.65 17.36 -7.60
N THR A 287 15.28 16.81 -8.63
CA THR A 287 16.72 16.85 -8.76
C THR A 287 17.10 17.91 -9.77
N ARG A 288 16.11 18.53 -10.41
CA ARG A 288 16.32 19.62 -11.34
C ARG A 288 15.00 20.36 -11.44
N GLU A 289 15.05 21.56 -12.02
CA GLU A 289 13.83 22.26 -12.41
C GLU A 289 13.17 21.47 -13.52
N VAL A 290 11.87 21.27 -13.41
CA VAL A 290 11.16 20.44 -14.37
C VAL A 290 9.83 21.10 -14.67
N GLU A 291 9.65 21.55 -15.91
CA GLU A 291 8.37 22.06 -16.31
C GLU A 291 7.39 20.91 -16.29
N LEU A 292 6.30 21.10 -15.57
CA LEU A 292 5.29 20.05 -15.45
C LEU A 292 3.94 20.73 -15.58
N GLY A 293 3.17 20.30 -16.57
CA GLY A 293 1.93 20.96 -16.89
C GLY A 293 2.08 22.46 -16.95
N GLY A 294 3.07 22.96 -17.70
CA GLY A 294 3.23 24.39 -17.80
C GLY A 294 3.65 25.09 -16.53
N ALA A 295 3.98 24.35 -15.47
CA ALA A 295 4.41 24.91 -14.20
C ALA A 295 5.87 24.59 -13.90
N VAL A 296 6.56 25.56 -13.32
CA VAL A 296 7.98 25.45 -12.96
C VAL A 296 8.11 25.03 -11.50
N ILE A 297 8.90 23.98 -11.26
CA ILE A 297 9.17 23.44 -9.93
C ILE A 297 10.67 23.60 -9.64
N GLY A 298 11.01 24.16 -8.48
CA GLY A 298 12.41 24.40 -8.17
C GLY A 298 13.18 23.13 -7.81
N GLU A 299 14.51 23.26 -7.84
CA GLU A 299 15.40 22.18 -7.40
C GLU A 299 15.19 21.90 -5.92
N GLY A 300 15.25 20.63 -5.53
CA GLY A 300 15.22 20.35 -4.13
C GLY A 300 13.85 20.57 -3.54
N GLU A 301 12.81 20.46 -4.36
CA GLU A 301 11.45 20.70 -3.91
C GLU A 301 10.74 19.37 -3.77
N LYS A 302 9.92 19.27 -2.73
CA LYS A 302 9.10 18.09 -2.52
C LYS A 302 7.85 18.18 -3.38
N VAL A 303 7.50 17.06 -4.02
CA VAL A 303 6.33 16.97 -4.87
C VAL A 303 5.47 15.84 -4.33
N LEU A 304 4.26 16.18 -3.92
CA LEU A 304 3.30 15.23 -3.37
C LEU A 304 2.41 14.70 -4.47
N MET A 305 2.45 13.40 -4.68
CA MET A 305 1.59 12.72 -5.64
C MET A 305 0.39 12.17 -4.89
N PHE A 306 -0.80 12.48 -5.42
CA PHE A 306 -2.07 11.99 -4.87
C PHE A 306 -2.50 10.79 -5.72
N LEU A 307 -2.07 9.60 -5.30
CA LEU A 307 -2.36 8.39 -6.06
C LEU A 307 -3.86 8.11 -6.13
N GLY A 308 -4.57 8.28 -5.02
CA GLY A 308 -6.00 8.01 -5.00
C GLY A 308 -6.76 8.95 -5.93
N SER A 309 -6.33 10.21 -5.96
CA SER A 309 -6.96 11.19 -6.83
C SER A 309 -6.72 10.82 -8.28
N ALA A 310 -5.49 10.45 -8.61
CA ALA A 310 -5.20 10.00 -9.97
C ALA A 310 -6.10 8.84 -10.33
N ASN A 311 -6.41 7.98 -9.36
CA ASN A 311 -7.23 6.81 -9.60
C ASN A 311 -8.72 7.15 -9.65
N ARG A 312 -9.08 8.40 -9.36
CA ARG A 312 -10.46 8.86 -9.45
C ARG A 312 -10.61 10.03 -10.42
N ASP A 313 -9.59 10.31 -11.21
CA ASP A 313 -9.59 11.46 -12.10
C ASP A 313 -10.54 11.24 -13.27
N PRO A 314 -11.59 12.04 -13.44
CA PRO A 314 -12.53 11.80 -14.54
C PRO A 314 -11.93 12.12 -15.90
N ARG A 315 -10.75 12.74 -15.93
CA ARG A 315 -10.02 12.91 -17.17
C ARG A 315 -9.52 11.60 -17.75
N ARG A 316 -9.37 10.58 -16.90
CA ARG A 316 -8.83 9.27 -17.29
C ARG A 316 -9.83 8.13 -17.15
N TRP A 317 -10.74 8.20 -16.20
CA TRP A 317 -11.64 7.12 -15.86
C TRP A 317 -13.09 7.50 -16.12
N SER A 318 -13.83 6.56 -16.71
CA SER A 318 -15.28 6.71 -16.82
C SER A 318 -15.91 6.29 -15.50
N ASP A 319 -16.86 7.09 -15.03
CA ASP A 319 -17.56 6.83 -13.77
C ASP A 319 -16.54 6.48 -12.68
N PRO A 320 -15.56 7.35 -12.43
CA PRO A 320 -14.48 7.00 -11.50
C PRO A 320 -14.97 6.67 -10.10
N ASP A 321 -16.14 7.17 -9.69
CA ASP A 321 -16.63 6.97 -8.34
C ASP A 321 -17.52 5.73 -8.23
N LEU A 322 -17.61 4.94 -9.28
CA LEU A 322 -18.28 3.65 -9.23
C LEU A 322 -17.26 2.52 -9.08
N TYR A 323 -17.61 1.56 -8.23
CA TYR A 323 -16.88 0.31 -8.10
C TYR A 323 -17.41 -0.66 -9.15
N ASP A 324 -16.56 -1.05 -10.11
CA ASP A 324 -16.98 -1.87 -11.24
C ASP A 324 -15.96 -3.00 -11.39
N ILE A 325 -16.37 -4.22 -11.01
CA ILE A 325 -15.40 -5.32 -10.95
C ILE A 325 -15.05 -5.86 -12.33
N THR A 326 -15.73 -5.41 -13.39
CA THR A 326 -15.30 -5.72 -14.74
C THR A 326 -14.67 -4.52 -15.43
N ARG A 327 -14.32 -3.47 -14.68
CA ARG A 327 -13.59 -2.35 -15.24
C ARG A 327 -12.23 -2.83 -15.74
N LYS A 328 -11.77 -2.28 -16.86
CA LYS A 328 -10.39 -2.49 -17.25
C LYS A 328 -9.57 -1.57 -16.37
N THR A 329 -8.92 -2.14 -15.34
CA THR A 329 -8.22 -1.33 -14.35
C THR A 329 -6.75 -1.06 -14.68
N SER A 330 -6.22 -1.68 -15.72
CA SER A 330 -4.81 -1.54 -16.02
C SER A 330 -4.48 -0.08 -16.30
N GLY A 331 -3.36 0.39 -15.73
CA GLY A 331 -2.96 1.78 -15.78
C GLY A 331 -3.21 2.55 -14.51
N HIS A 332 -4.03 2.03 -13.59
CA HIS A 332 -4.20 2.67 -12.30
C HIS A 332 -2.85 2.72 -11.57
N VAL A 333 -2.71 3.68 -10.66
CA VAL A 333 -1.45 3.91 -9.96
C VAL A 333 -1.52 3.51 -8.49
N GLY A 334 -2.49 2.70 -8.11
CA GLY A 334 -2.59 2.22 -6.74
C GLY A 334 -1.42 1.37 -6.30
N PHE A 335 -0.70 0.77 -7.25
CA PHE A 335 0.54 0.05 -6.99
C PHE A 335 1.75 0.83 -7.48
N GLY A 336 1.56 2.08 -7.87
CA GLY A 336 2.63 2.89 -8.41
C GLY A 336 2.77 2.67 -9.91
N SER A 337 3.90 3.11 -10.44
CA SER A 337 4.15 2.99 -11.87
C SER A 337 5.63 3.26 -12.11
N GLY A 338 6.21 2.51 -13.03
CA GLY A 338 7.61 2.71 -13.39
C GLY A 338 8.53 1.82 -12.55
N VAL A 339 9.74 2.29 -12.30
CA VAL A 339 10.80 1.44 -11.76
C VAL A 339 10.52 1.04 -10.31
N HIS A 340 9.71 1.83 -9.59
CA HIS A 340 9.38 1.50 -8.20
C HIS A 340 8.02 0.85 -8.05
N MET A 341 7.36 0.51 -9.16
CA MET A 341 6.04 -0.10 -9.08
C MET A 341 6.07 -1.34 -8.19
N CYS A 342 5.09 -1.41 -7.29
CA CYS A 342 5.06 -2.38 -6.20
C CYS A 342 5.68 -3.72 -6.55
N VAL A 343 6.78 -4.08 -5.87
CA VAL A 343 7.48 -5.30 -6.24
C VAL A 343 6.80 -6.49 -5.59
N GLY A 344 5.97 -6.25 -4.58
CA GLY A 344 5.15 -7.25 -3.92
C GLY A 344 3.76 -7.40 -4.48
N GLN A 345 3.49 -6.82 -5.65
CA GLN A 345 2.12 -6.75 -6.15
C GLN A 345 1.52 -8.13 -6.39
N LEU A 346 2.35 -9.13 -6.71
CA LEU A 346 1.83 -10.48 -6.90
C LEU A 346 1.37 -11.10 -5.58
N VAL A 347 2.07 -10.82 -4.48
CA VAL A 347 1.62 -11.29 -3.17
C VAL A 347 0.28 -10.63 -2.82
N ALA A 348 0.22 -9.30 -2.95
CA ALA A 348 -1.02 -8.57 -2.66
C ALA A 348 -2.18 -9.11 -3.49
N ARG A 349 -1.97 -9.24 -4.80
CA ARG A 349 -3.02 -9.76 -5.67
C ARG A 349 -3.38 -11.19 -5.30
N LEU A 350 -2.41 -12.00 -4.87
CA LEU A 350 -2.74 -13.37 -4.50
C LEU A 350 -3.65 -13.39 -3.28
N GLU A 351 -3.28 -12.65 -2.24
CA GLU A 351 -4.11 -12.59 -1.03
C GLU A 351 -5.51 -12.09 -1.38
N GLY A 352 -5.58 -11.03 -2.18
CA GLY A 352 -6.87 -10.42 -2.49
C GLY A 352 -7.70 -11.34 -3.36
N GLU A 353 -7.07 -11.96 -4.36
CA GLU A 353 -7.78 -12.85 -5.26
C GLU A 353 -8.36 -14.03 -4.49
N VAL A 354 -7.53 -14.73 -3.71
CA VAL A 354 -8.05 -15.95 -3.08
C VAL A 354 -9.09 -15.60 -2.03
N MET A 355 -8.97 -14.44 -1.37
CA MET A 355 -9.97 -14.08 -0.37
CA MET A 355 -9.97 -14.09 -0.37
C MET A 355 -11.29 -13.69 -1.03
N LEU A 356 -11.23 -12.90 -2.10
CA LEU A 356 -12.47 -12.54 -2.78
C LEU A 356 -13.09 -13.73 -3.47
N SER A 357 -12.26 -14.68 -3.93
CA SER A 357 -12.77 -15.93 -4.48
C SER A 357 -13.52 -16.72 -3.42
N ALA A 358 -12.94 -16.81 -2.22
CA ALA A 358 -13.61 -17.52 -1.13
C ALA A 358 -14.94 -16.87 -0.81
N LEU A 359 -14.97 -15.54 -0.74
CA LEU A 359 -16.24 -14.87 -0.49
C LEU A 359 -17.22 -15.15 -1.63
N ALA A 360 -16.76 -15.02 -2.87
CA ALA A 360 -17.63 -15.23 -4.03
C ALA A 360 -18.28 -16.60 -4.01
N ARG A 361 -17.55 -17.62 -3.54
CA ARG A 361 -18.07 -18.97 -3.61
C ARG A 361 -18.84 -19.38 -2.36
N LYS A 362 -18.61 -18.70 -1.24
CA LYS A 362 -19.17 -19.11 0.05
C LYS A 362 -20.16 -18.14 0.66
N VAL A 363 -20.20 -16.88 0.23
CA VAL A 363 -21.00 -15.85 0.89
C VAL A 363 -22.08 -15.36 -0.04
N ALA A 364 -23.30 -15.25 0.48
CA ALA A 364 -24.42 -14.75 -0.30
C ALA A 364 -24.62 -13.25 -0.11
N ALA A 365 -24.30 -12.72 1.07
CA ALA A 365 -24.56 -11.31 1.31
C ALA A 365 -23.60 -10.76 2.36
N ILE A 366 -23.22 -9.50 2.19
CA ILE A 366 -22.43 -8.79 3.17
C ILE A 366 -23.20 -7.50 3.46
N ASP A 367 -23.75 -7.40 4.67
CA ASP A 367 -24.54 -6.23 5.04
C ASP A 367 -23.90 -5.52 6.21
N ILE A 368 -23.67 -4.22 6.06
CA ILE A 368 -23.15 -3.44 7.17
C ILE A 368 -24.22 -3.37 8.25
N ASP A 369 -23.84 -3.66 9.48
CA ASP A 369 -24.79 -3.66 10.60
C ASP A 369 -24.17 -3.02 11.82
N GLY A 370 -23.41 -1.95 11.61
CA GLY A 370 -22.78 -1.24 12.69
C GLY A 370 -22.03 -0.02 12.20
N PRO A 371 -21.56 0.81 13.15
CA PRO A 371 -20.80 2.00 12.79
C PRO A 371 -19.50 1.64 12.08
N VAL A 372 -19.28 2.24 10.92
CA VAL A 372 -18.01 2.07 10.22
C VAL A 372 -17.06 3.10 10.81
N LYS A 373 -15.86 2.66 11.19
CA LYS A 373 -14.89 3.54 11.80
C LYS A 373 -13.62 3.52 10.96
N ARG A 374 -13.12 4.72 10.66
CA ARG A 374 -11.96 4.90 9.81
C ARG A 374 -10.68 4.87 10.62
N ARG A 375 -9.62 4.37 10.01
CA ARG A 375 -8.30 4.35 10.60
C ARG A 375 -7.51 5.47 9.97
N PHE A 376 -6.94 6.35 10.79
CA PHE A 376 -6.23 7.52 10.31
C PHE A 376 -4.73 7.25 10.25
N ASN A 377 -4.15 7.53 9.09
CA ASN A 377 -2.74 7.34 8.84
C ASN A 377 -2.29 8.40 7.85
N ASN A 378 -1.04 8.87 7.97
CA ASN A 378 -0.59 9.95 7.11
C ASN A 378 -0.52 9.52 5.66
N THR A 379 -0.34 8.22 5.40
CA THR A 379 -0.19 7.71 4.05
C THR A 379 -1.24 6.68 3.68
N LEU A 380 -1.72 5.90 4.64
CA LEU A 380 -2.63 4.80 4.39
C LEU A 380 -4.10 5.21 4.56
N ARG A 381 -4.93 4.71 3.64
CA ARG A 381 -6.37 4.84 3.70
C ARG A 381 -6.98 3.48 3.98
N GLY A 382 -7.87 3.44 4.96
CA GLY A 382 -8.58 2.23 5.29
C GLY A 382 -9.41 2.44 6.54
N LEU A 383 -10.08 1.38 6.93
CA LEU A 383 -11.01 1.43 8.05
C LEU A 383 -10.40 0.81 9.30
N GLU A 384 -10.85 1.29 10.45
CA GLU A 384 -10.51 0.68 11.73
C GLU A 384 -11.47 -0.47 12.04
N SER A 385 -12.75 -0.27 11.76
CA SER A 385 -13.77 -1.25 12.10
C SER A 385 -14.85 -1.22 11.02
N LEU A 386 -15.24 -2.41 10.56
CA LEU A 386 -16.26 -2.56 9.53
C LEU A 386 -17.15 -3.72 9.94
N PRO A 387 -18.09 -3.49 10.85
CA PRO A 387 -18.96 -4.59 11.29
C PRO A 387 -19.91 -4.98 10.16
N VAL A 388 -19.88 -6.26 9.79
CA VAL A 388 -20.79 -6.76 8.77
C VAL A 388 -21.39 -8.08 9.24
N LYS A 389 -22.57 -8.38 8.70
CA LYS A 389 -23.20 -9.69 8.80
C LYS A 389 -22.99 -10.38 7.46
N LEU A 390 -22.44 -11.59 7.50
CA LEU A 390 -22.25 -12.41 6.30
C LEU A 390 -23.37 -13.44 6.22
N THR A 391 -24.14 -13.40 5.13
CA THR A 391 -25.13 -14.45 4.89
C THR A 391 -24.50 -15.53 4.00
N PRO A 392 -24.52 -16.78 4.45
CA PRO A 392 -23.98 -17.88 3.63
C PRO A 392 -24.77 -18.15 2.37
N ALA A 393 -24.04 -18.56 1.33
CA ALA A 393 -24.66 -19.02 0.10
C ALA A 393 -25.19 -20.43 0.29
CHA HEM B . 6.08 -0.26 -3.66
CHB HEM B . 1.30 -0.05 -2.86
CHC HEM B . 1.42 -4.59 -1.15
CHD HEM B . 6.25 -4.31 -0.97
C1A HEM B . 4.79 0.20 -3.66
C2A HEM B . 4.30 1.44 -4.21
C3A HEM B . 2.98 1.50 -3.99
C4A HEM B . 2.58 0.30 -3.28
CMA HEM B . 2.04 2.65 -4.41
CAA HEM B . 5.15 2.52 -4.93
CBA HEM B . 5.99 3.31 -3.94
CGA HEM B . 6.73 4.42 -4.64
O1A HEM B . 7.48 5.18 -3.96
O2A HEM B . 6.58 4.56 -5.89
C1B HEM B . 0.90 -1.28 -2.38
C2B HEM B . -0.47 -1.72 -2.17
C3B HEM B . -0.44 -2.99 -1.71
C4B HEM B . 0.96 -3.36 -1.60
CMB HEM B . -1.69 -0.81 -2.47
CAB HEM B . -1.56 -3.97 -1.28
CBB HEM B . -2.88 -3.76 -1.38
C1C HEM B . 2.74 -4.92 -0.97
C2C HEM B . 3.24 -6.20 -0.49
C3C HEM B . 4.58 -6.13 -0.44
C4C HEM B . 4.96 -4.80 -0.87
CMC HEM B . 2.26 -7.36 -0.14
CAC HEM B . 5.65 -7.17 -0.01
CBC HEM B . 5.40 -8.39 0.48
C1D HEM B . 6.63 -3.19 -1.70
C2D HEM B . 7.99 -2.75 -1.93
C3D HEM B . 7.93 -1.63 -2.67
C4D HEM B . 6.55 -1.33 -2.93
CMD HEM B . 9.27 -3.45 -1.41
CAD HEM B . 9.12 -0.79 -3.18
CBD HEM B . 9.52 -1.30 -4.55
CGD HEM B . 10.51 -0.34 -5.16
O1D HEM B . 11.00 -0.62 -6.28
O2D HEM B . 10.80 0.70 -4.52
NA HEM B . 3.71 -0.47 -3.10
NB HEM B . 1.74 -2.31 -2.03
NC HEM B . 3.82 -4.09 -1.19
ND HEM B . 5.78 -2.30 -2.32
FE HEM B . 3.71 -2.37 -2.23
C10 4IA C . 10.44 -0.17 2.53
C01 4IA C . 5.07 1.53 -0.82
C02 4IA C . 5.07 1.03 0.63
C03 4IA C . 4.12 -0.16 0.77
C04 4IA C . 6.47 0.71 1.13
C05 4IA C . 6.84 1.06 2.42
C06 4IA C . 8.12 0.77 2.88
C07 4IA C . 9.03 0.15 2.05
C08 4IA C . 8.67 -0.20 0.75
C09 4IA C . 7.39 0.08 0.30
O11 4IA C . 11.33 -0.48 1.69
O12 4IA C . 10.72 -0.13 3.75
CL CL D . 13.59 0.31 12.32
#